data_9GEU
#
_entry.id   9GEU
#
_cell.length_a   31.992
_cell.length_b   84.397
_cell.length_c   90.716
_cell.angle_alpha   90.00
_cell.angle_beta   90.00
_cell.angle_gamma   90.00
#
_symmetry.space_group_name_H-M   'P 21 21 21'
#
loop_
_entity.id
_entity.type
_entity.pdbx_description
1 polymer CREBBP
2 non-polymer (R,R)-2,3-BUTANEDIOL
3 non-polymer (R,E)-2-methyl-1,2,3,5,10,11,17,18,21,22-decahydro-4H,16H,20H-13,15-etheno-7,25-(metheno)[1,4]diazepino[2,3-h]pyrido[1,2-p][1]oxa[4,16]diazacyclononadecine-4,8(9H)-dione
4 non-polymer 'CITRIC ACID'
5 water water
#
_entity_poly.entity_id   1
_entity_poly.type   'polypeptide(L)'
_entity_poly.pdbx_seq_one_letter_code
;SMRKKIFKPEELRQALMPTLEALYRQDPESLPFRQPVDPQLLGIPDYFDIVKNPMDLSTIKRKLDTGQYQEPWQYVDDVW
LMFNNAWLYNRKTSRVYKFCSKLAEVFEQEIDPVMQSLG
;
_entity_poly.pdbx_strand_id   A,B
#
loop_
_chem_comp.id
_chem_comp.type
_chem_comp.name
_chem_comp.formula
A1IKL non-polymer (R,E)-2-methyl-1,2,3,5,10,11,17,18,21,22-decahydro-4H,16H,20H-13,15-etheno-7,25-(metheno)[1,4]diazepino[2,3-h]pyrido[1,2-p][1]oxa[4,16]diazacyclononadecine-4,8(9H)-dione 'C27 H32 N4 O3'
BU3 non-polymer (R,R)-2,3-BUTANEDIOL 'C4 H10 O2'
CIT non-polymer 'CITRIC ACID' 'C6 H8 O7'
#
# COMPACT_ATOMS: atom_id res chain seq x y z
N LYS A 5 2.35 11.04 18.75
CA LYS A 5 2.77 9.71 19.21
C LYS A 5 4.24 9.44 18.90
N ILE A 6 4.93 8.83 19.86
CA ILE A 6 6.35 8.51 19.78
C ILE A 6 6.48 7.00 19.62
N PHE A 7 7.34 6.58 18.70
CA PHE A 7 7.61 5.16 18.45
C PHE A 7 9.07 4.88 18.76
N LYS A 8 9.31 4.01 19.73
CA LYS A 8 10.66 3.56 20.00
C LYS A 8 11.14 2.61 18.89
N PRO A 9 12.44 2.61 18.58
CA PRO A 9 12.92 1.78 17.46
C PRO A 9 12.65 0.28 17.63
N GLU A 10 12.69 -0.27 18.86
CA GLU A 10 12.44 -1.70 18.98
C GLU A 10 10.97 -2.05 18.80
N GLU A 11 10.07 -1.12 19.13
CA GLU A 11 8.66 -1.34 18.86
C GLU A 11 8.39 -1.41 17.37
N LEU A 12 8.97 -0.47 16.61
CA LEU A 12 8.85 -0.54 15.16
C LEU A 12 9.41 -1.85 14.64
N ARG A 13 10.55 -2.31 15.18
CA ARG A 13 11.17 -3.49 14.59
C ARG A 13 10.29 -4.71 14.79
N GLN A 14 9.76 -4.85 16.01
CA GLN A 14 8.93 -5.97 16.37
C GLN A 14 7.66 -6.02 15.51
N ALA A 15 7.00 -4.86 15.36
CA ALA A 15 5.75 -4.79 14.63
C ALA A 15 5.94 -4.97 13.12
N LEU A 16 7.06 -4.48 12.59
CA LEU A 16 7.21 -4.40 11.14
C LEU A 16 7.98 -5.57 10.56
N MET A 17 8.85 -6.24 11.34
CA MET A 17 9.64 -7.31 10.76
C MET A 17 8.79 -8.43 10.15
N PRO A 18 7.64 -8.85 10.71
CA PRO A 18 6.89 -9.90 10.02
C PRO A 18 6.45 -9.47 8.63
N THR A 19 6.22 -8.18 8.41
CA THR A 19 5.78 -7.73 7.08
C THR A 19 6.94 -7.78 6.09
N LEU A 20 8.17 -7.47 6.54
CA LEU A 20 9.34 -7.60 5.68
C LEU A 20 9.62 -9.07 5.36
N GLU A 21 9.53 -9.95 6.37
CA GLU A 21 9.74 -11.38 6.15
C GLU A 21 8.76 -11.95 5.14
N ALA A 22 7.51 -11.48 5.17
CA ALA A 22 6.54 -11.95 4.20
C ALA A 22 6.99 -11.64 2.77
N LEU A 23 7.66 -10.51 2.58
CA LEU A 23 8.16 -10.20 1.23
C LEU A 23 9.29 -11.15 0.84
N TYR A 24 10.25 -11.38 1.75
CA TYR A 24 11.36 -12.30 1.47
C TYR A 24 10.84 -13.68 1.12
N ARG A 25 9.77 -14.10 1.78
CA ARG A 25 9.29 -15.45 1.57
C ARG A 25 8.59 -15.66 0.24
N GLN A 26 8.31 -14.62 -0.54
CA GLN A 26 7.82 -14.86 -1.89
C GLN A 26 8.95 -15.32 -2.79
N ASP A 27 8.84 -16.55 -3.29
CA ASP A 27 9.91 -17.17 -4.08
C ASP A 27 9.26 -17.70 -5.34
N PRO A 28 9.68 -17.27 -6.53
CA PRO A 28 10.86 -16.44 -6.80
C PRO A 28 10.65 -14.93 -6.79
N GLU A 29 9.49 -14.41 -6.36
CA GLU A 29 9.19 -13.03 -6.68
C GLU A 29 10.11 -12.06 -5.95
N SER A 30 10.65 -12.44 -4.78
CA SER A 30 11.53 -11.52 -4.06
C SER A 30 12.95 -11.50 -4.62
N LEU A 31 13.31 -12.45 -5.47
CA LEU A 31 14.70 -12.56 -5.87
C LEU A 31 15.30 -11.29 -6.49
N PRO A 32 14.60 -10.54 -7.35
CA PRO A 32 15.20 -9.30 -7.88
C PRO A 32 15.50 -8.26 -6.82
N PHE A 33 14.94 -8.39 -5.61
CA PHE A 33 14.87 -7.33 -4.62
C PHE A 33 15.69 -7.64 -3.37
N ARG A 34 16.36 -8.79 -3.33
CA ARG A 34 17.04 -9.18 -2.10
C ARG A 34 18.38 -8.48 -1.90
N GLN A 35 18.96 -7.89 -2.94
CA GLN A 35 20.28 -7.26 -2.85
C GLN A 35 20.24 -5.89 -3.49
N PRO A 36 21.15 -4.98 -3.07
CA PRO A 36 21.20 -3.65 -3.69
C PRO A 36 21.45 -3.78 -5.17
N VAL A 37 20.82 -2.91 -5.96
CA VAL A 37 21.08 -2.92 -7.40
C VAL A 37 22.55 -2.64 -7.68
N ASP A 38 23.18 -3.51 -8.47
CA ASP A 38 24.54 -3.28 -8.98
C ASP A 38 24.40 -3.15 -10.49
N PRO A 39 24.35 -1.93 -11.03
CA PRO A 39 23.94 -1.79 -12.44
C PRO A 39 24.90 -2.39 -13.42
N GLN A 40 26.21 -2.37 -13.12
CA GLN A 40 27.17 -2.94 -14.05
C GLN A 40 27.08 -4.45 -14.04
N LEU A 41 27.00 -5.06 -12.84
CA LEU A 41 26.93 -6.50 -12.76
C LEU A 41 25.64 -7.03 -13.37
N LEU A 42 24.53 -6.32 -13.17
CA LEU A 42 23.24 -6.73 -13.72
C LEU A 42 23.07 -6.39 -15.19
N GLY A 43 24.03 -5.71 -15.81
CA GLY A 43 23.87 -5.40 -17.21
C GLY A 43 22.89 -4.30 -17.50
N ILE A 44 22.63 -3.43 -16.52
CA ILE A 44 21.71 -2.31 -16.71
C ILE A 44 22.43 -1.02 -16.34
N PRO A 45 23.49 -0.64 -17.07
CA PRO A 45 24.36 0.47 -16.62
C PRO A 45 23.69 1.82 -16.61
N ASP A 46 22.57 2.02 -17.33
CA ASP A 46 21.87 3.29 -17.31
C ASP A 46 20.91 3.40 -16.14
N TYR A 47 20.93 2.45 -15.22
CA TYR A 47 19.91 2.41 -14.16
C TYR A 47 19.77 3.75 -13.43
N PHE A 48 20.89 4.34 -13.03
CA PHE A 48 20.83 5.53 -12.21
C PHE A 48 20.67 6.80 -13.05
N ASP A 49 20.50 6.67 -14.36
CA ASP A 49 19.96 7.79 -15.14
C ASP A 49 18.46 7.91 -14.96
N ILE A 50 17.82 6.83 -14.53
CA ILE A 50 16.37 6.77 -14.43
CA ILE A 50 16.36 6.74 -14.43
C ILE A 50 15.92 6.76 -12.98
N VAL A 51 16.54 5.91 -12.15
CA VAL A 51 16.29 5.85 -10.71
C VAL A 51 17.35 6.69 -10.02
N LYS A 52 16.96 7.41 -8.97
CA LYS A 52 17.94 8.19 -8.20
C LYS A 52 18.32 7.50 -6.90
N ASN A 53 17.30 7.10 -6.12
CA ASN A 53 17.50 6.59 -4.76
C ASN A 53 17.13 5.12 -4.75
N PRO A 54 18.11 4.22 -4.79
CA PRO A 54 17.80 2.77 -4.82
C PRO A 54 17.29 2.31 -3.45
N MET A 55 16.57 1.19 -3.47
CA MET A 55 16.14 0.60 -2.22
C MET A 55 15.93 -0.89 -2.48
N ASP A 56 16.23 -1.72 -1.48
CA ASP A 56 16.07 -3.17 -1.62
C ASP A 56 15.78 -3.77 -0.24
N LEU A 57 15.44 -5.06 -0.24
CA LEU A 57 15.03 -5.68 1.01
C LEU A 57 16.18 -5.71 2.02
N SER A 58 17.43 -5.94 1.56
CA SER A 58 18.52 -6.02 2.53
C SER A 58 18.76 -4.68 3.20
N THR A 59 18.57 -3.58 2.46
CA THR A 59 18.74 -2.26 3.06
C THR A 59 17.61 -1.93 4.02
N ILE A 60 16.37 -2.27 3.66
CA ILE A 60 15.25 -2.11 4.58
C ILE A 60 15.47 -2.92 5.85
N LYS A 61 15.96 -4.17 5.71
CA LYS A 61 16.23 -4.99 6.89
C LYS A 61 17.22 -4.31 7.81
N ARG A 62 18.32 -3.80 7.24
CA ARG A 62 19.32 -3.13 8.05
C ARG A 62 18.75 -1.89 8.73
N LYS A 63 17.96 -1.09 8.00
CA LYS A 63 17.38 0.12 8.57
C LYS A 63 16.43 -0.22 9.71
N LEU A 64 15.61 -1.27 9.55
CA LEU A 64 14.75 -1.70 10.64
CA LEU A 64 14.75 -1.72 10.65
C LEU A 64 15.58 -2.15 11.85
N ASP A 65 16.66 -2.88 11.61
CA ASP A 65 17.47 -3.47 12.68
C ASP A 65 18.33 -2.45 13.39
N THR A 66 18.52 -1.27 12.79
CA THR A 66 19.42 -0.27 13.35
C THR A 66 18.68 1.02 13.74
N GLY A 67 17.36 0.97 13.86
CA GLY A 67 16.63 2.14 14.35
C GLY A 67 16.59 3.35 13.42
N GLN A 68 16.59 3.14 12.11
CA GLN A 68 16.62 4.27 11.19
C GLN A 68 15.24 4.79 10.82
N TYR A 69 14.17 4.18 11.30
CA TYR A 69 12.82 4.71 11.10
C TYR A 69 12.29 5.31 12.41
N GLN A 70 11.93 6.61 12.38
CA GLN A 70 11.25 7.21 13.54
C GLN A 70 9.79 6.79 13.64
N GLU A 71 9.16 6.55 12.50
CA GLU A 71 7.72 6.37 12.40
C GLU A 71 7.47 5.23 11.43
N PRO A 72 6.38 4.48 11.60
CA PRO A 72 6.13 3.35 10.67
C PRO A 72 5.94 3.82 9.23
N TRP A 73 5.44 5.04 8.98
CA TRP A 73 5.28 5.42 7.59
CA TRP A 73 5.30 5.52 7.61
C TRP A 73 6.62 5.63 6.89
N GLN A 74 7.72 5.82 7.64
CA GLN A 74 9.03 5.90 7.00
C GLN A 74 9.44 4.53 6.44
N TYR A 75 9.02 3.46 7.12
CA TYR A 75 9.29 2.12 6.63
C TYR A 75 8.46 1.85 5.37
N VAL A 76 7.18 2.22 5.42
CA VAL A 76 6.33 2.08 4.24
C VAL A 76 6.90 2.83 3.05
N ASP A 77 7.36 4.07 3.29
CA ASP A 77 7.92 4.86 2.21
C ASP A 77 9.11 4.16 1.55
N ASP A 78 9.96 3.47 2.33
CA ASP A 78 11.10 2.76 1.70
C ASP A 78 10.63 1.53 0.90
N VAL A 79 9.62 0.78 1.40
CA VAL A 79 9.14 -0.35 0.60
C VAL A 79 8.54 0.19 -0.70
N TRP A 80 7.75 1.26 -0.58
CA TRP A 80 7.18 1.91 -1.76
C TRP A 80 8.26 2.42 -2.71
N LEU A 81 9.36 2.93 -2.16
CA LEU A 81 10.47 3.38 -3.01
C LEU A 81 11.03 2.22 -3.82
N MET A 82 11.27 1.10 -3.14
CA MET A 82 11.74 -0.10 -3.82
C MET A 82 10.79 -0.50 -4.96
N PHE A 83 9.48 -0.50 -4.68
CA PHE A 83 8.50 -0.87 -5.71
C PHE A 83 8.46 0.17 -6.83
N ASN A 84 8.43 1.45 -6.47
CA ASN A 84 8.37 2.50 -7.48
C ASN A 84 9.57 2.44 -8.40
N ASN A 85 10.76 2.20 -7.86
CA ASN A 85 11.93 2.12 -8.73
C ASN A 85 11.75 1.00 -9.75
N ALA A 86 11.26 -0.17 -9.29
CA ALA A 86 11.10 -1.30 -10.22
C ALA A 86 10.01 -1.04 -11.25
N TRP A 87 8.90 -0.44 -10.83
CA TRP A 87 7.85 -0.14 -11.79
C TRP A 87 8.25 0.98 -12.75
N LEU A 88 9.19 1.84 -12.35
CA LEU A 88 9.70 2.88 -13.24
C LEU A 88 10.66 2.29 -14.27
N TYR A 89 11.63 1.51 -13.80
CA TYR A 89 12.76 1.17 -14.66
C TYR A 89 12.43 0.03 -15.62
N ASN A 90 11.55 -0.91 -15.23
CA ASN A 90 11.32 -2.11 -16.01
C ASN A 90 9.99 -2.05 -16.76
N ARG A 91 9.95 -2.71 -17.92
CA ARG A 91 8.72 -2.70 -18.73
C ARG A 91 7.59 -3.47 -18.05
N LYS A 92 6.35 -3.06 -18.34
CA LYS A 92 5.20 -3.76 -17.74
C LYS A 92 5.19 -5.25 -18.06
N THR A 93 5.76 -5.65 -19.19
CA THR A 93 5.82 -7.06 -19.61
C THR A 93 6.95 -7.84 -18.95
N SER A 94 7.81 -7.18 -18.17
CA SER A 94 9.01 -7.81 -17.68
C SER A 94 8.75 -8.59 -16.42
N ARG A 95 9.59 -9.62 -16.22
N ARG A 95 9.62 -9.58 -16.18
CA ARG A 95 9.55 -10.42 -15.00
CA ARG A 95 9.48 -10.41 -14.99
C ARG A 95 9.66 -9.55 -13.76
C ARG A 95 9.73 -9.62 -13.71
N VAL A 96 10.66 -8.66 -13.73
CA VAL A 96 10.88 -7.86 -12.53
C VAL A 96 9.65 -7.02 -12.21
N TYR A 97 9.01 -6.44 -13.23
CA TYR A 97 7.80 -5.63 -12.99
C TYR A 97 6.69 -6.49 -12.41
N LYS A 98 6.47 -7.67 -13.01
CA LYS A 98 5.39 -8.54 -12.54
C LYS A 98 5.65 -9.05 -11.13
N PHE A 99 6.92 -9.40 -10.85
CA PHE A 99 7.28 -9.83 -9.49
C PHE A 99 7.04 -8.70 -8.48
N CYS A 100 7.39 -7.47 -8.87
CA CYS A 100 7.14 -6.32 -8.00
C CYS A 100 5.65 -6.21 -7.67
N SER A 101 4.79 -6.38 -8.67
CA SER A 101 3.36 -6.27 -8.41
C SER A 101 2.86 -7.35 -7.45
N LYS A 102 3.35 -8.59 -7.60
CA LYS A 102 3.05 -9.64 -6.63
C LYS A 102 3.44 -9.22 -5.21
N LEU A 103 4.69 -8.73 -5.05
CA LEU A 103 5.15 -8.33 -3.72
C LEU A 103 4.28 -7.22 -3.16
N ALA A 104 3.83 -6.29 -4.01
CA ALA A 104 3.01 -5.17 -3.55
C ALA A 104 1.68 -5.66 -3.00
N GLU A 105 1.10 -6.70 -3.64
CA GLU A 105 -0.15 -7.29 -3.13
C GLU A 105 0.07 -7.92 -1.77
N VAL A 106 1.13 -8.71 -1.64
CA VAL A 106 1.46 -9.30 -0.34
C VAL A 106 1.68 -8.19 0.69
N PHE A 107 2.39 -7.13 0.30
CA PHE A 107 2.71 -6.07 1.25
C PHE A 107 1.45 -5.44 1.81
N GLU A 108 0.46 -5.18 0.97
CA GLU A 108 -0.79 -4.61 1.49
C GLU A 108 -1.41 -5.52 2.52
N GLN A 109 -1.50 -6.81 2.20
CA GLN A 109 -2.13 -7.74 3.13
C GLN A 109 -1.40 -7.75 4.45
N GLU A 110 -0.09 -7.53 4.43
CA GLU A 110 0.68 -7.53 5.66
C GLU A 110 0.64 -6.19 6.38
N ILE A 111 0.89 -5.09 5.67
CA ILE A 111 1.16 -3.82 6.33
C ILE A 111 -0.12 -3.10 6.71
N ASP A 112 -1.20 -3.30 5.95
CA ASP A 112 -2.41 -2.54 6.22
C ASP A 112 -2.96 -2.82 7.61
N PRO A 113 -3.08 -4.07 8.07
CA PRO A 113 -3.58 -4.27 9.46
C PRO A 113 -2.59 -3.81 10.50
N VAL A 114 -1.28 -3.90 10.22
CA VAL A 114 -0.29 -3.46 11.20
C VAL A 114 -0.36 -1.95 11.38
N MET A 115 -0.39 -1.20 10.28
CA MET A 115 -0.48 0.25 10.38
C MET A 115 -1.75 0.66 11.13
N GLN A 116 -2.86 -0.06 10.89
N GLN A 116 -2.84 -0.06 10.96
CA GLN A 116 -4.11 0.14 11.63
CA GLN A 116 -4.04 0.34 11.69
C GLN A 116 -3.87 0.00 13.13
C GLN A 116 -3.90 0.02 13.19
N SER A 117 -3.24 -1.09 13.55
CA SER A 117 -3.08 -1.36 14.97
CA SER A 117 -3.05 -1.39 14.96
CA SER A 117 -2.99 -1.46 14.95
C SER A 117 -2.05 -0.44 15.60
N LEU A 118 -1.06 0.02 14.83
CA LEU A 118 -0.05 0.91 15.42
C LEU A 118 -0.58 2.31 15.66
N GLY A 119 -1.62 2.71 14.92
CA GLY A 119 -2.19 4.04 15.11
C GLY A 119 -1.20 5.15 14.83
N LYS B 5 4.49 19.55 4.65
CA LYS B 5 3.98 20.65 3.85
C LYS B 5 2.55 21.03 4.26
N ILE B 6 2.01 22.07 3.64
CA ILE B 6 0.57 22.30 3.60
C ILE B 6 0.07 21.77 2.26
N PHE B 7 -1.02 21.00 2.29
CA PHE B 7 -1.62 20.45 1.08
C PHE B 7 -2.97 21.11 0.86
N LYS B 8 -3.10 21.78 -0.25
CA LYS B 8 -4.39 22.40 -0.53
C LYS B 8 -5.39 21.33 -0.98
N PRO B 9 -6.66 21.50 -0.66
CA PRO B 9 -7.66 20.50 -1.06
C PRO B 9 -7.65 20.19 -2.54
N GLU B 10 -7.53 21.20 -3.42
CA GLU B 10 -7.57 20.88 -4.84
C GLU B 10 -6.29 20.18 -5.27
N GLU B 11 -5.15 20.48 -4.64
CA GLU B 11 -3.92 19.73 -4.90
C GLU B 11 -4.09 18.25 -4.57
N LEU B 12 -4.66 17.98 -3.40
CA LEU B 12 -4.87 16.57 -3.04
C LEU B 12 -5.88 15.91 -3.98
N ARG B 13 -6.93 16.64 -4.41
CA ARG B 13 -7.87 16.02 -5.32
C ARG B 13 -7.21 15.67 -6.65
N GLN B 14 -6.46 16.62 -7.23
N GLN B 14 -6.44 16.60 -7.22
CA GLN B 14 -5.89 16.35 -8.55
CA GLN B 14 -5.88 16.36 -8.55
C GLN B 14 -4.88 15.21 -8.48
C GLN B 14 -4.73 15.36 -8.53
N ALA B 15 -4.13 15.14 -7.37
CA ALA B 15 -3.11 14.10 -7.22
C ALA B 15 -3.70 12.73 -6.87
N LEU B 16 -4.71 12.69 -5.99
CA LEU B 16 -5.19 11.44 -5.43
C LEU B 16 -6.42 10.89 -6.14
N MET B 17 -7.26 11.74 -6.73
CA MET B 17 -8.46 11.19 -7.38
C MET B 17 -8.13 10.19 -8.49
N PRO B 18 -7.05 10.35 -9.27
CA PRO B 18 -6.75 9.30 -10.25
C PRO B 18 -6.55 7.95 -9.60
N THR B 19 -5.99 7.92 -8.39
CA THR B 19 -5.77 6.61 -7.75
C THR B 19 -7.08 6.00 -7.26
N LEU B 20 -8.04 6.84 -6.83
CA LEU B 20 -9.36 6.35 -6.45
C LEU B 20 -10.14 5.84 -7.65
N GLU B 21 -10.13 6.60 -8.75
CA GLU B 21 -10.88 6.18 -9.93
C GLU B 21 -10.30 4.92 -10.54
N ALA B 22 -9.00 4.68 -10.35
CA ALA B 22 -8.42 3.42 -10.81
C ALA B 22 -9.00 2.24 -10.07
N LEU B 23 -9.37 2.42 -8.80
CA LEU B 23 -10.01 1.34 -8.08
C LEU B 23 -11.43 1.12 -8.61
N TYR B 24 -12.16 2.22 -8.83
CA TYR B 24 -13.52 2.09 -9.39
C TYR B 24 -13.52 1.42 -10.75
N ARG B 25 -12.46 1.65 -11.55
CA ARG B 25 -12.37 1.07 -12.89
C ARG B 25 -12.29 -0.44 -12.89
N GLN B 26 -11.84 -1.04 -11.78
CA GLN B 26 -11.77 -2.49 -11.67
C GLN B 26 -13.18 -3.08 -11.58
N ASP B 27 -13.56 -3.85 -12.59
CA ASP B 27 -14.91 -4.37 -12.70
C ASP B 27 -14.76 -5.84 -13.08
N PRO B 28 -15.24 -6.78 -12.25
CA PRO B 28 -16.12 -6.62 -11.08
C PRO B 28 -15.46 -6.38 -9.73
N GLU B 29 -14.14 -6.19 -9.64
CA GLU B 29 -13.48 -6.26 -8.33
C GLU B 29 -13.93 -5.12 -7.41
N SER B 30 -14.26 -3.95 -7.96
CA SER B 30 -14.67 -2.86 -7.08
C SER B 30 -16.12 -2.95 -6.65
N LEU B 31 -16.91 -3.84 -7.27
CA LEU B 31 -18.34 -3.85 -6.97
C LEU B 31 -18.69 -4.01 -5.50
N PRO B 32 -18.02 -4.85 -4.70
CA PRO B 32 -18.40 -4.92 -3.28
C PRO B 32 -18.15 -3.65 -2.50
N PHE B 33 -17.37 -2.71 -3.06
CA PHE B 33 -16.83 -1.58 -2.29
C PHE B 33 -17.37 -0.25 -2.75
N ARG B 34 -18.30 -0.22 -3.71
CA ARG B 34 -18.72 1.04 -4.28
C ARG B 34 -19.73 1.80 -3.43
N GLN B 35 -20.44 1.15 -2.52
CA GLN B 35 -21.43 1.82 -1.70
C GLN B 35 -21.20 1.46 -0.24
N PRO B 36 -21.68 2.30 0.69
CA PRO B 36 -21.58 1.95 2.11
C PRO B 36 -22.24 0.60 2.38
N VAL B 37 -21.64 -0.16 3.30
CA VAL B 37 -22.22 -1.43 3.69
C VAL B 37 -23.59 -1.21 4.30
N ASP B 38 -24.59 -1.95 3.78
CA ASP B 38 -25.93 -2.02 4.37
C ASP B 38 -26.13 -3.45 4.82
N PRO B 39 -25.91 -3.77 6.10
CA PRO B 39 -25.97 -5.19 6.52
C PRO B 39 -27.32 -5.85 6.29
N GLN B 40 -28.42 -5.09 6.36
CA GLN B 40 -29.72 -5.71 6.14
CA GLN B 40 -29.73 -5.69 6.12
C GLN B 40 -29.91 -6.08 4.67
N LEU B 41 -29.62 -5.16 3.75
CA LEU B 41 -29.77 -5.46 2.34
C LEU B 41 -28.82 -6.56 1.90
N LEU B 42 -27.60 -6.56 2.43
CA LEU B 42 -26.61 -7.57 2.06
C LEU B 42 -26.80 -8.90 2.79
N GLY B 43 -27.73 -8.98 3.73
CA GLY B 43 -27.95 -10.23 4.44
C GLY B 43 -26.79 -10.64 5.32
N ILE B 44 -26.06 -9.66 5.85
CA ILE B 44 -24.94 -9.91 6.76
C ILE B 44 -25.17 -9.12 8.04
N PRO B 45 -26.26 -9.43 8.78
CA PRO B 45 -26.64 -8.57 9.91
C PRO B 45 -25.66 -8.60 11.07
N ASP B 46 -24.64 -9.46 11.05
CA ASP B 46 -23.65 -9.40 12.11
C ASP B 46 -22.52 -8.44 11.81
N TYR B 47 -22.57 -7.72 10.69
CA TYR B 47 -21.41 -6.93 10.22
C TYR B 47 -20.85 -6.01 11.30
N PHE B 48 -21.70 -5.20 11.92
CA PHE B 48 -21.20 -4.24 12.90
C PHE B 48 -20.96 -4.85 14.28
N ASP B 49 -21.16 -6.15 14.45
CA ASP B 49 -20.60 -6.80 15.63
C ASP B 49 -19.11 -7.04 15.47
N ILE B 50 -18.60 -6.96 14.25
CA ILE B 50 -17.21 -7.24 13.90
C ILE B 50 -16.47 -5.98 13.46
N VAL B 51 -17.06 -5.22 12.52
CA VAL B 51 -16.46 -3.99 11.99
C VAL B 51 -16.98 -2.79 12.75
N LYS B 52 -16.08 -1.92 13.22
CA LYS B 52 -16.56 -0.77 13.96
C LYS B 52 -16.73 0.45 13.06
N ASN B 53 -15.76 0.68 12.16
CA ASN B 53 -15.69 1.92 11.40
C ASN B 53 -15.73 1.53 9.93
N PRO B 54 -16.91 1.49 9.31
CA PRO B 54 -16.99 1.10 7.90
C PRO B 54 -16.35 2.15 7.00
N MET B 55 -15.96 1.71 5.81
CA MET B 55 -15.45 2.66 4.84
C MET B 55 -15.69 2.07 3.44
N ASP B 56 -15.95 2.92 2.46
CA ASP B 56 -16.23 2.46 1.11
C ASP B 56 -15.78 3.54 0.11
N LEU B 57 -15.75 3.15 -1.17
CA LEU B 57 -15.23 4.07 -2.20
C LEU B 57 -16.06 5.35 -2.29
N SER B 58 -17.39 5.28 -2.17
CA SER B 58 -18.20 6.51 -2.28
C SER B 58 -17.90 7.51 -1.15
N THR B 59 -17.59 7.01 0.04
CA THR B 59 -17.30 7.89 1.17
C THR B 59 -15.93 8.53 1.00
N ILE B 60 -14.95 7.73 0.56
CA ILE B 60 -13.63 8.29 0.26
C ILE B 60 -13.74 9.34 -0.85
N LYS B 61 -14.55 9.05 -1.88
CA LYS B 61 -14.72 10.00 -2.98
C LYS B 61 -15.32 11.31 -2.46
N ARG B 62 -16.37 11.23 -1.63
CA ARG B 62 -16.91 12.46 -1.07
C ARG B 62 -15.86 13.21 -0.25
N LYS B 63 -15.11 12.50 0.58
CA LYS B 63 -14.15 13.18 1.42
C LYS B 63 -13.08 13.88 0.58
N LEU B 64 -12.65 13.24 -0.51
CA LEU B 64 -11.65 13.89 -1.37
C LEU B 64 -12.27 15.04 -2.14
N ASP B 65 -13.52 14.89 -2.60
CA ASP B 65 -14.18 15.94 -3.37
C ASP B 65 -14.45 17.18 -2.53
N THR B 66 -14.58 17.04 -1.21
CA THR B 66 -14.99 18.15 -0.36
C THR B 66 -13.88 18.65 0.53
N GLY B 67 -12.66 18.15 0.35
CA GLY B 67 -11.54 18.69 1.08
C GLY B 67 -11.42 18.20 2.51
N GLN B 68 -11.81 16.97 2.81
CA GLN B 68 -11.80 16.49 4.19
C GLN B 68 -10.47 15.84 4.60
N TYR B 69 -9.52 15.71 3.69
CA TYR B 69 -8.17 15.27 4.03
C TYR B 69 -7.22 16.46 4.06
N GLN B 70 -6.43 16.58 5.13
CA GLN B 70 -5.39 17.59 5.14
C GLN B 70 -4.08 17.08 4.58
N GLU B 71 -3.84 15.78 4.65
CA GLU B 71 -2.57 15.14 4.31
C GLU B 71 -2.85 13.85 3.52
N PRO B 72 -1.98 13.48 2.58
CA PRO B 72 -2.22 12.26 1.79
C PRO B 72 -2.34 10.99 2.62
N TRP B 73 -1.58 10.86 3.71
CA TRP B 73 -1.70 9.65 4.51
CA TRP B 73 -1.70 9.64 4.49
C TRP B 73 -3.09 9.47 5.10
N GLN B 74 -3.87 10.54 5.28
CA GLN B 74 -5.23 10.34 5.77
C GLN B 74 -6.09 9.65 4.73
N TYR B 75 -5.87 9.97 3.45
CA TYR B 75 -6.56 9.27 2.37
C TYR B 75 -6.13 7.80 2.33
N VAL B 76 -4.82 7.56 2.37
CA VAL B 76 -4.33 6.18 2.40
C VAL B 76 -4.95 5.42 3.57
N ASP B 77 -5.03 6.05 4.74
CA ASP B 77 -5.58 5.36 5.91
C ASP B 77 -7.02 4.92 5.67
N ASP B 78 -7.81 5.73 4.96
CA ASP B 78 -9.22 5.33 4.70
C ASP B 78 -9.30 4.19 3.68
N VAL B 79 -8.46 4.22 2.64
CA VAL B 79 -8.45 3.09 1.71
C VAL B 79 -8.05 1.81 2.44
N TRP B 80 -7.02 1.91 3.26
CA TRP B 80 -6.59 0.74 4.03
C TRP B 80 -7.68 0.31 5.01
N LEU B 81 -8.43 1.25 5.58
CA LEU B 81 -9.53 0.86 6.46
C LEU B 81 -10.55 0.01 5.69
N MET B 82 -10.92 0.47 4.50
CA MET B 82 -11.83 -0.28 3.66
C MET B 82 -11.32 -1.69 3.42
N PHE B 83 -10.03 -1.81 3.09
CA PHE B 83 -9.45 -3.13 2.83
C PHE B 83 -9.41 -3.97 4.11
N ASN B 84 -8.98 -3.37 5.20
CA ASN B 84 -8.86 -4.08 6.46
C ASN B 84 -10.21 -4.61 6.92
N ASN B 85 -11.28 -3.82 6.76
CA ASN B 85 -12.61 -4.31 7.14
C ASN B 85 -12.99 -5.53 6.32
N ALA B 86 -12.69 -5.49 5.01
CA ALA B 86 -13.11 -6.61 4.17
C ALA B 86 -12.28 -7.86 4.48
N TRP B 87 -10.98 -7.70 4.74
CA TRP B 87 -10.19 -8.88 5.07
C TRP B 87 -10.51 -9.43 6.46
N LEU B 88 -11.02 -8.59 7.38
CA LEU B 88 -11.51 -9.06 8.67
C LEU B 88 -12.83 -9.77 8.56
N TYR B 89 -13.79 -9.18 7.85
CA TYR B 89 -15.16 -9.71 7.91
C TYR B 89 -15.31 -10.95 7.01
N ASN B 90 -14.63 -11.00 5.87
CA ASN B 90 -14.86 -12.05 4.89
C ASN B 90 -13.79 -13.11 5.00
N ARG B 91 -14.18 -14.35 4.70
CA ARG B 91 -13.25 -15.47 4.73
C ARG B 91 -12.25 -15.37 3.57
N LYS B 92 -11.07 -15.98 3.79
CA LYS B 92 -9.99 -15.94 2.79
C LYS B 92 -10.42 -16.52 1.46
N THR B 93 -11.29 -17.53 1.48
CA THR B 93 -11.75 -18.17 0.26
C THR B 93 -12.80 -17.36 -0.48
N SER B 94 -13.38 -16.34 0.15
CA SER B 94 -14.56 -15.68 -0.40
C SER B 94 -14.19 -14.75 -1.55
N ARG B 95 -15.16 -14.56 -2.44
CA ARG B 95 -15.00 -13.61 -3.55
C ARG B 95 -14.68 -12.20 -3.04
N VAL B 96 -15.38 -11.71 -2.01
CA VAL B 96 -15.11 -10.33 -1.57
C VAL B 96 -13.68 -10.19 -1.07
N TYR B 97 -13.18 -11.17 -0.31
CA TYR B 97 -11.80 -11.12 0.17
C TYR B 97 -10.82 -11.10 -0.98
N LYS B 98 -11.03 -12.00 -1.96
CA LYS B 98 -10.15 -12.06 -3.14
C LYS B 98 -10.21 -10.77 -3.96
N PHE B 99 -11.41 -10.20 -4.15
CA PHE B 99 -11.53 -8.92 -4.86
C PHE B 99 -10.82 -7.81 -4.10
N CYS B 100 -10.93 -7.80 -2.77
CA CYS B 100 -10.17 -6.86 -1.96
C CYS B 100 -8.68 -6.95 -2.23
N SER B 101 -8.14 -8.17 -2.20
CA SER B 101 -6.71 -8.34 -2.45
C SER B 101 -6.31 -7.81 -3.83
N LYS B 102 -7.15 -8.04 -4.84
CA LYS B 102 -6.84 -7.51 -6.16
C LYS B 102 -6.86 -5.98 -6.17
N LEU B 103 -7.84 -5.37 -5.49
CA LEU B 103 -7.88 -3.91 -5.45
C LEU B 103 -6.66 -3.38 -4.74
N ALA B 104 -6.16 -4.12 -3.75
CA ALA B 104 -5.03 -3.62 -2.99
C ALA B 104 -3.76 -3.60 -3.84
N GLU B 105 -3.60 -4.58 -4.73
CA GLU B 105 -2.49 -4.56 -5.68
C GLU B 105 -2.57 -3.35 -6.61
N VAL B 106 -3.75 -3.12 -7.21
CA VAL B 106 -3.95 -1.93 -8.03
C VAL B 106 -3.68 -0.66 -7.22
N PHE B 107 -4.15 -0.61 -5.97
CA PHE B 107 -3.92 0.60 -5.17
C PHE B 107 -2.42 0.88 -5.04
N GLU B 108 -1.62 -0.13 -4.70
CA GLU B 108 -0.18 0.08 -4.64
C GLU B 108 0.37 0.66 -5.95
N GLN B 109 -0.02 0.06 -7.08
CA GLN B 109 0.51 0.53 -8.36
C GLN B 109 0.20 2.00 -8.59
N GLU B 110 -0.94 2.44 -8.09
CA GLU B 110 -1.39 3.81 -8.28
C GLU B 110 -0.83 4.78 -7.23
N ILE B 111 -0.94 4.42 -5.95
CA ILE B 111 -0.65 5.36 -4.89
C ILE B 111 0.84 5.45 -4.59
N ASP B 112 1.60 4.34 -4.80
CA ASP B 112 3.01 4.36 -4.42
C ASP B 112 3.75 5.47 -5.15
N PRO B 113 3.62 5.64 -6.47
CA PRO B 113 4.37 6.73 -7.12
C PRO B 113 3.82 8.10 -6.78
N VAL B 114 2.51 8.22 -6.55
CA VAL B 114 1.94 9.51 -6.20
C VAL B 114 2.43 9.97 -4.83
N MET B 115 2.41 9.06 -3.84
CA MET B 115 2.87 9.44 -2.51
C MET B 115 4.33 9.89 -2.55
N GLN B 116 5.13 9.24 -3.39
CA GLN B 116 6.53 9.61 -3.48
C GLN B 116 6.69 11.02 -4.07
N SER B 117 5.84 11.39 -5.04
N SER B 117 5.88 11.36 -5.08
CA SER B 117 5.87 12.73 -5.63
CA SER B 117 5.89 12.74 -5.59
C SER B 117 5.20 13.80 -4.76
C SER B 117 5.43 13.74 -4.54
N LEU B 118 4.38 13.40 -3.79
CA LEU B 118 3.81 14.36 -2.85
C LEU B 118 4.73 14.63 -1.66
N GLY B 119 5.58 13.67 -1.31
CA GLY B 119 6.52 13.85 -0.22
C GLY B 119 5.85 14.13 1.13
O6 BU3 C . 16.14 -2.95 18.51
C3 BU3 C . 16.53 -1.70 17.98
C4 BU3 C . 16.04 -1.52 16.54
C2 BU3 C . 18.05 -1.49 18.08
O5 BU3 C . 18.53 -1.78 19.39
C1 BU3 C . 18.53 -0.12 17.57
C10 A1IKL D . 16.90 -6.02 -14.06
C01 A1IKL D . 15.27 -4.52 -8.73
C02 A1IKL D . 16.46 -4.84 -9.63
C04 A1IKL D . 16.77 -3.69 -10.59
C05 A1IKL D . 15.69 -3.54 -11.65
C08 A1IKL D . 16.40 -5.63 -12.80
C11 A1IKL D . 17.70 -7.20 -14.23
N07 A1IKL D . 15.62 -4.49 -12.68
C09 A1IKL D . 16.69 -6.40 -11.63
C12 A1IKL D . 18.00 -7.95 -13.10
C13 A1IKL D . 17.46 -7.57 -11.81
C14 A1IKL D . 17.86 -8.36 -10.63
C15 A1IKL D . 17.72 -9.63 -10.74
C16 A1IKL D . 17.89 -10.95 -10.12
C17 A1IKL D . 19.22 -11.60 -10.21
C18 A1IKL D . 18.92 -13.05 -10.62
C20 A1IKL D . 20.54 -13.14 -12.77
C21 A1IKL D . 21.60 -13.88 -13.36
C22 A1IKL D . 22.21 -15.00 -12.62
C23 A1IKL D . 22.14 -14.98 -11.13
C24 A1IKL D . 20.72 -14.73 -10.71
C25 A1IKL D . 22.08 -13.53 -14.64
C26 A1IKL D . 21.59 -12.52 -15.43
C27 A1IKL D . 20.53 -11.75 -14.91
C28 A1IKL D . 20.04 -12.11 -13.62
C30 A1IKL D . 20.77 -10.02 -16.64
C31 A1IKL D . 20.04 -8.71 -16.95
C33 A1IKL D . 18.22 -7.59 -15.56
N03 A1IKL D . 16.26 -6.11 -10.36
N19 A1IKL D . 20.07 -13.60 -11.42
N32 A1IKL D . 19.40 -8.23 -15.71
O06 A1IKL D . 14.92 -2.58 -11.63
O29 A1IKL D . 20.01 -10.72 -15.69
O34 A1IKL D . 17.58 -7.29 -16.58
O6 BU3 E . 24.21 3.46 5.63
C3 BU3 E . 24.45 3.17 4.27
C4 BU3 E . 25.59 3.96 3.66
C2 BU3 E . 23.11 3.34 3.55
O5 BU3 E . 22.13 2.54 4.19
C1 BU3 E . 23.21 3.02 2.06
O6 BU3 F . -13.20 22.90 -3.74
C3 BU3 F . -12.93 21.55 -3.36
C4 BU3 F . -13.04 21.34 -1.84
C2 BU3 F . -11.57 21.10 -3.94
O5 BU3 F . -11.60 21.36 -5.33
C1 BU3 F . -11.31 19.64 -3.58
C10 A1IKL G . -20.76 -9.48 1.58
C01 A1IKL G . -17.44 -4.75 1.56
C02 A1IKL G . -18.91 -5.26 1.59
C04 A1IKL G . -19.25 -5.85 2.98
C05 A1IKL G . -18.46 -7.11 3.18
C08 A1IKL G . -19.89 -8.36 1.57
C11 A1IKL G . -21.82 -9.61 0.66
N07 A1IKL G . -18.84 -8.25 2.49
C09 A1IKL G . -20.02 -7.35 0.58
C12 A1IKL G . -21.95 -8.63 -0.30
C13 A1IKL G . -21.05 -7.50 -0.35
C14 A1IKL G . -21.33 -6.46 -1.39
C15 A1IKL G . -21.48 -6.88 -2.62
C16 A1IKL G . -21.71 -6.59 -4.06
C17 A1IKL G . -22.63 -5.56 -4.60
C18 A1IKL G . -24.11 -5.90 -4.23
C20 A1IKL G . -25.59 -8.05 -4.62
C21 A1IKL G . -26.66 -8.64 -5.33
C22 A1IKL G . -27.04 -8.09 -6.63
C23 A1IKL G . -26.91 -6.60 -6.79
C24 A1IKL G . -25.52 -6.13 -6.34
C25 A1IKL G . -27.38 -9.73 -4.75
C26 A1IKL G . -27.10 -10.32 -3.53
C27 A1IKL G . -26.02 -9.75 -2.79
C28 A1IKL G . -25.35 -8.66 -3.36
C30 A1IKL G . -25.65 -11.59 -1.26
C31 A1IKL G . -25.11 -11.65 0.18
C33 A1IKL G . -22.78 -10.73 0.69
N03 A1IKL G . -19.18 -6.23 0.51
N19 A1IKL G . -24.84 -6.90 -5.20
N32 A1IKL G . -24.05 -10.63 0.24
O06 A1IKL G . -17.48 -7.16 3.91
O29 A1IKL G . -25.72 -10.25 -1.56
O34 A1IKL G . -22.44 -11.80 1.21
C1 CIT H . -17.01 5.62 -10.72
O1 CIT H . -16.66 4.88 -11.68
O2 CIT H . -16.28 6.48 -10.18
C2 CIT H . -18.44 5.42 -10.14
C3 CIT H . -19.24 4.19 -10.66
O7 CIT H . -18.46 3.03 -10.48
C4 CIT H . -20.61 3.97 -10.00
C5 CIT H . -20.69 4.15 -8.48
O3 CIT H . -20.71 3.13 -7.77
O4 CIT H . -20.74 5.33 -8.05
C6 CIT H . -19.51 4.52 -12.16
O5 CIT H . -19.42 3.58 -12.99
O6 CIT H . -19.78 5.70 -12.42
#